data_2R6O
#
_entry.id   2R6O
#
_cell.length_a   50.051
_cell.length_b   63.141
_cell.length_c   173.282
_cell.angle_alpha   90.00
_cell.angle_beta   90.00
_cell.angle_gamma   90.00
#
_symmetry.space_group_name_H-M   'P 21 21 21'
#
loop_
_entity.id
_entity.type
_entity.pdbx_description
1 polymer 'Putative diguanylate cyclase/phosphodiesterase (GGDEF & EAL domains)'
2 non-polymer 'MAGNESIUM ION'
3 non-polymer 'CHLORIDE ION'
4 water water
#
_entity_poly.entity_id   1
_entity_poly.type   'polypeptide(L)'
_entity_poly.pdbx_seq_one_letter_code
;(MSE)GSSHHHHHHSSGRENLYFQGHERLTLDTRLRQALERNELVLHYQPIVELASGRIVGGEALVRWEDPERGLV
(MSE)PSAFIPAAEDTGLIVALSDWVLEACCTQLRAWQQQGRAADDLTLSVNISTRQFEGEHLTRAVDRALARSGLRPDC
LELEITENV(MSE)LV(MSE)TDEVRTCLDALRARGVRLALDDFGTGYSSLSYLSQLPFHGLKIDQSFVRKIPAHPSETQ
IVTTILALARGLG(MSE)EVVAEGIETAQQYAFLRDRGCEFGQGNL(MSE)STPQAADAFASLLDRQKASGQRPVHGHET
AP
;
_entity_poly.pdbx_strand_id   A,B
#
loop_
_chem_comp.id
_chem_comp.type
_chem_comp.name
_chem_comp.formula
CL non-polymer 'CHLORIDE ION' 'Cl -1'
MG non-polymer 'MAGNESIUM ION' 'Mg 2'
#
# COMPACT_ATOMS: atom_id res chain seq x y z
N ARG A 24 -11.84 -2.22 -44.63
CA ARG A 24 -11.53 -2.83 -43.29
C ARG A 24 -12.21 -2.06 -42.16
N LEU A 25 -12.97 -2.78 -41.34
CA LEU A 25 -13.79 -2.16 -40.30
C LEU A 25 -12.94 -1.76 -39.11
N THR A 26 -13.35 -0.69 -38.43
CA THR A 26 -12.68 -0.25 -37.21
C THR A 26 -12.87 -1.29 -36.12
N LEU A 27 -11.93 -1.33 -35.16
CA LEU A 27 -12.00 -2.25 -34.04
C LEU A 27 -13.29 -2.02 -33.25
N ASP A 28 -13.67 -0.74 -33.08
CA ASP A 28 -14.92 -0.42 -32.41
C ASP A 28 -16.14 -1.07 -33.08
N THR A 29 -16.32 -0.82 -34.38
CA THR A 29 -17.32 -1.50 -35.21
C THR A 29 -17.29 -3.02 -35.05
N ARG A 30 -16.11 -3.62 -35.16
CA ARG A 30 -15.97 -5.07 -35.00
C ARG A 30 -16.33 -5.56 -33.59
N LEU A 31 -15.95 -4.78 -32.58
CA LEU A 31 -16.31 -5.14 -31.19
C LEU A 31 -17.81 -5.06 -30.93
N ARG A 32 -18.46 -4.00 -31.42
CA ARG A 32 -19.91 -3.91 -31.33
C ARG A 32 -20.56 -5.10 -32.00
N GLN A 33 -20.06 -5.48 -33.18
CA GLN A 33 -20.54 -6.68 -33.88
C GLN A 33 -20.31 -7.96 -33.07
N ALA A 34 -19.13 -8.08 -32.45
CA ALA A 34 -18.85 -9.22 -31.57
C ALA A 34 -19.91 -9.38 -30.47
N LEU A 35 -20.37 -8.26 -29.91
CA LEU A 35 -21.40 -8.29 -28.88
C LEU A 35 -22.75 -8.71 -29.45
N GLU A 36 -23.14 -8.12 -30.57
CA GLU A 36 -24.43 -8.44 -31.15
C GLU A 36 -24.46 -9.84 -31.76
N ARG A 37 -23.28 -10.37 -32.13
CA ARG A 37 -23.17 -11.69 -32.77
C ARG A 37 -22.73 -12.81 -31.83
N ASN A 38 -22.63 -12.48 -30.54
CA ASN A 38 -22.24 -13.43 -29.49
C ASN A 38 -20.89 -14.10 -29.75
N GLU A 39 -19.89 -13.28 -30.08
CA GLU A 39 -18.53 -13.80 -30.40
C GLU A 39 -17.61 -13.83 -29.18
N LEU A 40 -18.00 -13.17 -28.09
CA LEU A 40 -17.18 -13.20 -26.89
C LEU A 40 -17.40 -14.52 -26.18
N VAL A 41 -16.39 -14.95 -25.43
CA VAL A 41 -16.45 -16.21 -24.68
C VAL A 41 -15.74 -15.97 -23.36
N LEU A 42 -16.11 -16.74 -22.34
CA LEU A 42 -15.32 -16.71 -21.11
C LEU A 42 -14.51 -17.99 -20.97
N HIS A 43 -13.25 -17.83 -20.56
CA HIS A 43 -12.47 -18.93 -20.03
C HIS A 43 -12.38 -18.72 -18.53
N TYR A 44 -11.96 -19.75 -17.81
CA TYR A 44 -11.92 -19.70 -16.35
C TYR A 44 -10.65 -20.33 -15.82
N GLN A 45 -9.93 -19.61 -14.97
CA GLN A 45 -8.71 -20.16 -14.38
C GLN A 45 -8.99 -20.59 -12.92
N PRO A 46 -8.78 -21.88 -12.62
CA PRO A 46 -8.99 -22.40 -11.27
C PRO A 46 -8.23 -21.58 -10.21
N ILE A 47 -8.93 -21.29 -9.13
CA ILE A 47 -8.30 -20.71 -7.93
C ILE A 47 -8.31 -21.82 -6.91
N VAL A 48 -7.14 -22.10 -6.33
CA VAL A 48 -6.94 -23.29 -5.52
C VAL A 48 -6.63 -22.88 -4.08
N GLU A 49 -7.20 -23.64 -3.14
CA GLU A 49 -6.82 -23.55 -1.72
C GLU A 49 -5.50 -24.31 -1.52
N LEU A 50 -4.46 -23.58 -1.12
CA LEU A 50 -3.10 -24.13 -1.18
C LEU A 50 -2.93 -25.32 -0.25
N ALA A 51 -3.60 -25.24 0.89
CA ALA A 51 -3.50 -26.24 1.96
C ALA A 51 -4.00 -27.62 1.54
N SER A 52 -5.10 -27.64 0.78
CA SER A 52 -5.76 -28.89 0.36
C SER A 52 -5.55 -29.24 -1.11
N GLY A 53 -5.24 -28.24 -1.93
CA GLY A 53 -5.18 -28.44 -3.37
C GLY A 53 -6.55 -28.42 -4.05
N ARG A 54 -7.60 -28.09 -3.28
CA ARG A 54 -8.97 -28.04 -3.80
C ARG A 54 -9.24 -26.77 -4.64
N ILE A 55 -9.92 -26.94 -5.77
CA ILE A 55 -10.39 -25.82 -6.57
C ILE A 55 -11.63 -25.27 -5.87
N VAL A 56 -11.52 -24.02 -5.43
CA VAL A 56 -12.59 -23.43 -4.64
C VAL A 56 -13.18 -22.22 -5.38
N GLY A 57 -12.55 -21.84 -6.48
CA GLY A 57 -12.98 -20.68 -7.24
C GLY A 57 -12.43 -20.72 -8.64
N GLY A 58 -12.72 -19.68 -9.37
CA GLY A 58 -12.28 -19.57 -10.76
C GLY A 58 -12.34 -18.12 -11.15
N GLU A 59 -11.28 -17.65 -11.81
CA GLU A 59 -11.34 -16.30 -12.35
C GLU A 59 -11.84 -16.34 -13.81
N ALA A 60 -12.96 -15.65 -14.06
CA ALA A 60 -13.53 -15.51 -15.41
C ALA A 60 -12.60 -14.60 -16.17
N LEU A 61 -12.31 -14.96 -17.41
CA LEU A 61 -11.39 -14.19 -18.24
C LEU A 61 -11.98 -14.10 -19.65
N VAL A 62 -12.32 -12.89 -20.11
CA VAL A 62 -12.96 -12.75 -21.42
C VAL A 62 -11.94 -12.97 -22.56
N ARG A 63 -12.43 -13.57 -23.64
CA ARG A 63 -11.74 -13.62 -24.92
C ARG A 63 -12.75 -13.30 -26.00
N TRP A 64 -12.23 -13.01 -27.18
CA TRP A 64 -13.08 -12.76 -28.34
C TRP A 64 -12.78 -13.89 -29.32
N GLU A 65 -13.75 -14.76 -29.56
CA GLU A 65 -13.62 -15.74 -30.63
C GLU A 65 -13.90 -15.03 -31.95
N ASP A 66 -12.83 -14.46 -32.51
CA ASP A 66 -12.92 -13.60 -33.67
C ASP A 66 -12.89 -14.50 -34.90
N PRO A 67 -13.98 -14.50 -35.70
CA PRO A 67 -14.02 -15.38 -36.86
C PRO A 67 -12.84 -15.16 -37.81
N GLU A 68 -12.26 -13.95 -37.77
CA GLU A 68 -11.13 -13.60 -38.62
C GLU A 68 -9.76 -14.00 -38.08
N ARG A 69 -9.65 -14.22 -36.77
CA ARG A 69 -8.33 -14.39 -36.15
C ARG A 69 -8.18 -15.55 -35.18
N GLY A 70 -9.29 -16.07 -34.68
CA GLY A 70 -9.24 -17.10 -33.65
C GLY A 70 -9.46 -16.50 -32.27
N LEU A 71 -8.87 -17.14 -31.26
CA LEU A 71 -9.12 -16.74 -29.87
C LEU A 71 -8.29 -15.52 -29.48
N VAL A 72 -8.92 -14.36 -29.55
CA VAL A 72 -8.22 -13.11 -29.28
C VAL A 72 -8.25 -12.76 -27.80
N MSE A 73 -7.08 -12.43 -27.27
CA MSE A 73 -6.91 -12.10 -25.84
C MSE A 73 -7.37 -10.67 -25.53
O MSE A 73 -7.28 -9.79 -26.40
CB MSE A 73 -5.44 -12.25 -25.45
CG MSE A 73 -4.93 -13.68 -25.57
SE MSE A 73 -5.70 -14.84 -24.18
CE MSE A 73 -4.65 -14.33 -22.66
N PRO A 74 -7.82 -10.42 -24.30
CA PRO A 74 -8.38 -9.10 -23.98
C PRO A 74 -7.38 -7.95 -24.09
N SER A 75 -6.08 -8.22 -23.95
CA SER A 75 -5.07 -7.20 -24.12
C SER A 75 -5.16 -6.58 -25.52
N ALA A 76 -5.70 -7.34 -26.47
CA ALA A 76 -5.81 -6.93 -27.87
C ALA A 76 -7.07 -6.10 -28.18
N PHE A 77 -8.03 -6.03 -27.27
CA PHE A 77 -9.27 -5.29 -27.57
C PHE A 77 -9.83 -4.41 -26.43
N ILE A 78 -9.49 -4.73 -25.20
CA ILE A 78 -10.01 -3.99 -24.06
C ILE A 78 -9.55 -2.51 -24.04
N PRO A 79 -8.26 -2.24 -24.35
CA PRO A 79 -7.91 -0.81 -24.50
C PRO A 79 -8.82 -0.03 -25.45
N ALA A 80 -9.13 -0.58 -26.63
CA ALA A 80 -10.04 0.06 -27.57
C ALA A 80 -11.45 0.24 -27.01
N ALA A 81 -11.91 -0.76 -26.26
CA ALA A 81 -13.21 -0.70 -25.58
C ALA A 81 -13.23 0.47 -24.58
N GLU A 82 -12.11 0.66 -23.89
CA GLU A 82 -11.99 1.74 -22.89
C GLU A 82 -11.96 3.12 -23.53
N ASP A 83 -11.36 3.21 -24.71
CA ASP A 83 -11.27 4.47 -25.45
C ASP A 83 -12.66 4.98 -25.85
N THR A 84 -13.57 4.06 -26.16
CA THR A 84 -14.90 4.45 -26.63
C THR A 84 -16.04 4.14 -25.65
N GLY A 85 -15.72 3.78 -24.40
CA GLY A 85 -16.74 3.44 -23.40
C GLY A 85 -17.58 2.18 -23.58
N LEU A 86 -17.34 1.46 -24.70
CA LEU A 86 -17.86 0.11 -24.94
C LEU A 86 -17.50 -0.88 -23.83
N ILE A 87 -16.50 -0.51 -23.03
CA ILE A 87 -16.04 -1.31 -21.90
C ILE A 87 -17.14 -1.62 -20.88
N VAL A 88 -18.03 -0.67 -20.64
CA VAL A 88 -19.18 -0.90 -19.75
C VAL A 88 -20.08 -2.05 -20.27
N ALA A 89 -20.51 -1.96 -21.53
CA ALA A 89 -21.34 -2.99 -22.15
C ALA A 89 -20.62 -4.34 -22.16
N LEU A 90 -19.33 -4.28 -22.45
CA LEU A 90 -18.55 -5.50 -22.51
C LEU A 90 -18.44 -6.14 -21.13
N SER A 91 -18.12 -5.34 -20.12
CA SER A 91 -17.96 -5.83 -18.74
C SER A 91 -19.29 -6.37 -18.17
N ASP A 92 -20.39 -5.72 -18.51
CA ASP A 92 -21.73 -6.21 -18.14
C ASP A 92 -22.05 -7.58 -18.76
N TRP A 93 -21.66 -7.76 -20.03
CA TRP A 93 -21.77 -9.05 -20.69
C TRP A 93 -20.99 -10.13 -19.91
N VAL A 94 -19.74 -9.81 -19.56
CA VAL A 94 -18.89 -10.72 -18.78
C VAL A 94 -19.56 -11.12 -17.44
N LEU A 95 -20.04 -10.12 -16.72
N LEU A 95 -20.02 -10.11 -16.69
CA LEU A 95 -20.68 -10.31 -15.42
CA LEU A 95 -20.69 -10.36 -15.41
C LEU A 95 -21.88 -11.25 -15.52
C LEU A 95 -21.85 -11.33 -15.57
N GLU A 96 -22.74 -11.00 -16.51
CA GLU A 96 -23.90 -11.84 -16.76
C GLU A 96 -23.54 -13.25 -17.19
N ALA A 97 -22.57 -13.37 -18.12
CA ALA A 97 -22.19 -14.67 -18.65
C ALA A 97 -21.59 -15.52 -17.54
N CYS A 98 -20.79 -14.88 -16.68
CA CYS A 98 -20.16 -15.56 -15.55
C CYS A 98 -21.21 -16.09 -14.57
N CYS A 99 -22.15 -15.22 -14.19
CA CYS A 99 -23.22 -15.62 -13.26
C CYS A 99 -24.07 -16.76 -13.83
N THR A 100 -24.36 -16.67 -15.13
CA THR A 100 -25.16 -17.70 -15.81
C THR A 100 -24.42 -19.05 -15.82
N GLN A 101 -23.12 -19.00 -16.08
CA GLN A 101 -22.30 -20.22 -16.11
C GLN A 101 -22.26 -20.92 -14.75
N LEU A 102 -22.04 -20.15 -13.68
CA LEU A 102 -21.99 -20.76 -12.36
C LEU A 102 -23.32 -21.40 -12.01
N ARG A 103 -24.40 -20.68 -12.30
CA ARG A 103 -25.75 -21.22 -12.11
C ARG A 103 -26.00 -22.49 -12.94
N ALA A 104 -25.42 -22.54 -14.14
CA ALA A 104 -25.56 -23.74 -14.97
C ALA A 104 -24.87 -24.91 -14.30
N TRP A 105 -23.62 -24.71 -13.88
CA TRP A 105 -22.88 -25.76 -13.20
C TRP A 105 -23.56 -26.19 -11.88
N GLN A 106 -24.13 -25.23 -11.17
CA GLN A 106 -24.88 -25.54 -9.95
C GLN A 106 -26.07 -26.44 -10.26
N GLN A 107 -26.86 -26.07 -11.28
CA GLN A 107 -28.05 -26.85 -11.64
C GLN A 107 -27.71 -28.25 -12.13
N GLN A 108 -26.54 -28.37 -12.78
CA GLN A 108 -26.07 -29.65 -13.32
C GLN A 108 -25.52 -30.53 -12.21
N GLY A 109 -25.33 -29.96 -11.03
CA GLY A 109 -24.77 -30.67 -9.87
C GLY A 109 -23.25 -30.81 -9.90
N ARG A 110 -22.59 -30.01 -10.73
CA ARG A 110 -21.14 -30.10 -10.94
C ARG A 110 -20.36 -29.07 -10.12
N ALA A 111 -21.02 -27.98 -9.75
CA ALA A 111 -20.44 -26.96 -8.89
C ALA A 111 -20.81 -27.23 -7.43
N ALA A 112 -19.80 -27.53 -6.62
CA ALA A 112 -20.01 -27.74 -5.20
C ALA A 112 -20.48 -26.45 -4.50
N ASP A 113 -21.05 -26.60 -3.31
CA ASP A 113 -21.59 -25.47 -2.55
CA ASP A 113 -21.59 -25.47 -2.54
C ASP A 113 -20.54 -24.40 -2.21
N ASP A 114 -19.25 -24.78 -2.17
CA ASP A 114 -18.21 -23.81 -1.85
C ASP A 114 -17.67 -23.05 -3.06
N LEU A 115 -18.10 -23.43 -4.26
CA LEU A 115 -17.52 -22.84 -5.45
C LEU A 115 -18.05 -21.43 -5.70
N THR A 116 -17.13 -20.49 -5.93
CA THR A 116 -17.47 -19.15 -6.43
C THR A 116 -16.75 -18.92 -7.76
N LEU A 117 -17.17 -17.88 -8.50
CA LEU A 117 -16.42 -17.40 -9.66
C LEU A 117 -16.16 -15.92 -9.48
N SER A 118 -15.06 -15.45 -10.03
CA SER A 118 -14.61 -14.07 -9.84
C SER A 118 -14.62 -13.33 -11.17
N VAL A 119 -15.10 -12.09 -11.17
CA VAL A 119 -15.22 -11.30 -12.37
C VAL A 119 -14.36 -10.03 -12.27
N ASN A 120 -13.56 -9.77 -13.31
CA ASN A 120 -12.76 -8.55 -13.36
C ASN A 120 -13.63 -7.36 -13.67
N ILE A 121 -13.54 -6.33 -12.83
CA ILE A 121 -14.36 -5.12 -12.98
C ILE A 121 -13.49 -3.94 -13.37
N SER A 122 -14.02 -3.13 -14.29
CA SER A 122 -13.34 -1.92 -14.73
C SER A 122 -13.75 -0.75 -13.83
N THR A 123 -12.81 0.14 -13.50
CA THR A 123 -13.14 1.33 -12.68
C THR A 123 -14.20 2.21 -13.36
N ARG A 124 -14.32 2.04 -14.67
CA ARG A 124 -15.35 2.76 -15.44
CA ARG A 124 -15.35 2.75 -15.45
C ARG A 124 -16.77 2.30 -15.10
N GLN A 125 -16.90 1.11 -14.53
CA GLN A 125 -18.23 0.62 -14.14
C GLN A 125 -18.83 1.33 -12.92
N PHE A 126 -17.99 2.04 -12.15
CA PHE A 126 -18.44 2.74 -10.95
C PHE A 126 -19.20 4.02 -11.28
N GLU A 127 -18.94 4.54 -12.48
CA GLU A 127 -19.54 5.78 -12.96
CA GLU A 127 -19.55 5.77 -12.97
C GLU A 127 -21.07 5.73 -12.89
N GLY A 128 -21.67 6.72 -12.21
CA GLY A 128 -23.12 6.78 -12.02
C GLY A 128 -23.69 5.68 -11.13
N GLU A 129 -22.81 5.01 -10.38
CA GLU A 129 -23.14 3.81 -9.60
C GLU A 129 -23.71 2.69 -10.49
N HIS A 130 -23.22 2.64 -11.72
CA HIS A 130 -23.68 1.63 -12.66
C HIS A 130 -23.46 0.22 -12.14
N LEU A 131 -22.28 -0.01 -11.57
CA LEU A 131 -21.87 -1.36 -11.15
C LEU A 131 -22.92 -2.04 -10.26
N THR A 132 -23.51 -1.30 -9.34
CA THR A 132 -24.54 -1.81 -8.44
C THR A 132 -25.70 -2.37 -9.25
N ARG A 133 -26.16 -1.59 -10.23
CA ARG A 133 -27.25 -2.02 -11.12
C ARG A 133 -26.87 -3.18 -12.03
N ALA A 134 -25.66 -3.13 -12.58
CA ALA A 134 -25.12 -4.20 -13.41
C ALA A 134 -25.00 -5.54 -12.66
N VAL A 135 -24.55 -5.52 -11.41
CA VAL A 135 -24.46 -6.74 -10.60
C VAL A 135 -25.86 -7.26 -10.24
N ASP A 136 -26.75 -6.37 -9.84
CA ASP A 136 -28.14 -6.75 -9.52
C ASP A 136 -28.81 -7.42 -10.75
N ARG A 137 -28.60 -6.84 -11.93
CA ARG A 137 -29.13 -7.40 -13.18
C ARG A 137 -28.57 -8.79 -13.47
N ALA A 138 -27.26 -8.95 -13.30
CA ALA A 138 -26.59 -10.23 -13.55
C ALA A 138 -27.09 -11.34 -12.61
N LEU A 139 -27.29 -10.98 -11.36
CA LEU A 139 -27.81 -11.93 -10.37
C LEU A 139 -29.29 -12.28 -10.64
N ALA A 140 -30.08 -11.25 -10.98
CA ALA A 140 -31.51 -11.42 -11.25
C ALA A 140 -31.76 -12.26 -12.50
N ARG A 141 -30.93 -12.07 -13.52
CA ARG A 141 -31.07 -12.83 -14.76
C ARG A 141 -30.66 -14.28 -14.61
N SER A 142 -29.62 -14.53 -13.80
CA SER A 142 -29.07 -15.88 -13.67
C SER A 142 -29.72 -16.67 -12.53
N GLY A 143 -30.22 -15.93 -11.53
CA GLY A 143 -30.64 -16.53 -10.27
C GLY A 143 -29.51 -16.86 -9.32
N LEU A 144 -28.27 -16.49 -9.67
CA LEU A 144 -27.13 -16.73 -8.77
C LEU A 144 -27.22 -15.99 -7.42
N ARG A 145 -26.96 -16.71 -6.33
CA ARG A 145 -26.83 -16.07 -5.01
C ARG A 145 -25.59 -15.19 -4.95
N PRO A 146 -25.74 -13.98 -4.38
CA PRO A 146 -24.61 -13.03 -4.32
C PRO A 146 -23.37 -13.60 -3.65
N ASP A 147 -23.56 -14.48 -2.67
CA ASP A 147 -22.45 -15.09 -1.94
CA ASP A 147 -22.50 -15.17 -1.91
C ASP A 147 -21.56 -15.99 -2.82
N CYS A 148 -22.02 -16.27 -4.05
CA CYS A 148 -21.27 -17.11 -5.00
C CYS A 148 -20.47 -16.30 -6.02
N LEU A 149 -20.61 -14.98 -5.96
CA LEU A 149 -19.91 -14.08 -6.89
C LEU A 149 -18.85 -13.27 -6.16
N GLU A 150 -17.69 -13.19 -6.78
CA GLU A 150 -16.58 -12.35 -6.32
CA GLU A 150 -16.63 -12.30 -6.32
C GLU A 150 -16.20 -11.34 -7.42
N LEU A 151 -15.82 -10.13 -7.03
CA LEU A 151 -15.37 -9.12 -7.99
C LEU A 151 -13.90 -8.77 -7.76
N GLU A 152 -13.16 -8.55 -8.83
CA GLU A 152 -11.72 -8.19 -8.75
C GLU A 152 -11.55 -6.80 -9.37
N ILE A 153 -11.07 -5.86 -8.56
CA ILE A 153 -10.88 -4.47 -8.99
C ILE A 153 -9.42 -4.11 -8.80
N THR A 154 -8.84 -3.45 -9.79
CA THR A 154 -7.39 -3.21 -9.75
C THR A 154 -7.02 -2.33 -8.55
N GLU A 155 -5.83 -2.56 -8.00
CA GLU A 155 -5.38 -1.83 -6.81
C GLU A 155 -5.54 -0.31 -6.93
N ASN A 156 -5.25 0.23 -8.11
CA ASN A 156 -5.32 1.68 -8.32
C ASN A 156 -6.71 2.33 -8.24
N VAL A 157 -7.74 1.52 -7.99
CA VAL A 157 -9.05 2.08 -7.61
C VAL A 157 -8.87 3.03 -6.40
N MSE A 158 -7.86 2.74 -5.58
CA MSE A 158 -7.62 3.57 -4.41
C MSE A 158 -7.17 5.00 -4.72
O MSE A 158 -7.34 5.88 -3.90
CB MSE A 158 -6.68 2.89 -3.41
CG MSE A 158 -7.51 2.22 -2.36
SE MSE A 158 -6.61 0.98 -1.25
CE MSE A 158 -5.81 -0.19 -2.62
N LEU A 159 -6.63 5.20 -5.92
CA LEU A 159 -6.19 6.53 -6.36
C LEU A 159 -7.34 7.35 -6.98
N VAL A 160 -8.47 6.69 -7.20
CA VAL A 160 -9.67 7.34 -7.76
C VAL A 160 -10.91 7.07 -6.86
N MSE A 161 -10.68 7.08 -5.57
CA MSE A 161 -11.70 6.79 -4.56
C MSE A 161 -12.60 8.00 -4.34
O MSE A 161 -12.21 8.99 -3.73
CB MSE A 161 -11.03 6.37 -3.25
CG MSE A 161 -11.96 5.84 -2.18
SE MSE A 161 -12.96 4.26 -2.80
CE MSE A 161 -11.50 3.21 -3.54
N THR A 162 -13.83 7.93 -4.88
CA THR A 162 -14.83 8.98 -4.74
C THR A 162 -16.02 8.43 -3.94
N ASP A 163 -16.93 9.30 -3.50
CA ASP A 163 -18.12 8.87 -2.76
CA ASP A 163 -18.13 8.87 -2.76
C ASP A 163 -18.93 7.84 -3.56
N GLU A 164 -18.93 7.98 -4.88
CA GLU A 164 -19.60 7.08 -5.80
C GLU A 164 -19.01 5.66 -5.75
N VAL A 165 -17.69 5.55 -5.84
CA VAL A 165 -17.01 4.27 -5.70
C VAL A 165 -17.32 3.65 -4.35
N ARG A 166 -17.16 4.45 -3.29
CA ARG A 166 -17.40 3.98 -1.93
C ARG A 166 -18.83 3.48 -1.74
N THR A 167 -19.79 4.20 -2.33
CA THR A 167 -21.22 3.79 -2.30
C THR A 167 -21.45 2.43 -2.96
N CYS A 168 -20.88 2.23 -4.16
CA CYS A 168 -20.96 0.92 -4.84
C CYS A 168 -20.33 -0.20 -4.01
N LEU A 169 -19.15 0.06 -3.45
CA LEU A 169 -18.44 -0.96 -2.68
C LEU A 169 -19.23 -1.37 -1.44
N ASP A 170 -19.79 -0.38 -0.73
CA ASP A 170 -20.63 -0.66 0.44
C ASP A 170 -21.89 -1.43 0.05
N ALA A 171 -22.51 -1.06 -1.07
CA ALA A 171 -23.70 -1.75 -1.58
C ALA A 171 -23.42 -3.21 -1.91
N LEU A 172 -22.27 -3.46 -2.56
CA LEU A 172 -21.91 -4.81 -2.92
C LEU A 172 -21.61 -5.66 -1.68
N ARG A 173 -20.92 -5.10 -0.70
CA ARG A 173 -20.64 -5.84 0.54
C ARG A 173 -21.94 -6.18 1.27
N ALA A 174 -22.86 -5.21 1.28
CA ALA A 174 -24.20 -5.38 1.86
C ALA A 174 -24.98 -6.52 1.20
N ARG A 175 -24.84 -6.65 -0.14
CA ARG A 175 -25.46 -7.75 -0.90
C ARG A 175 -24.81 -9.10 -0.55
N GLY A 176 -23.55 -9.07 -0.12
CA GLY A 176 -22.83 -10.31 0.19
C GLY A 176 -21.85 -10.71 -0.91
N VAL A 177 -21.66 -9.81 -1.88
CA VAL A 177 -20.70 -10.03 -2.98
C VAL A 177 -19.28 -9.76 -2.44
N ARG A 178 -18.36 -10.70 -2.62
CA ARG A 178 -17.01 -10.50 -2.10
C ARG A 178 -16.16 -9.69 -3.06
N LEU A 179 -15.25 -8.90 -2.49
CA LEU A 179 -14.50 -7.93 -3.27
C LEU A 179 -13.00 -8.15 -3.04
N ALA A 180 -12.22 -8.18 -4.11
CA ALA A 180 -10.78 -8.34 -3.98
C ALA A 180 -10.03 -7.30 -4.81
N LEU A 181 -8.84 -6.93 -4.36
CA LEU A 181 -7.97 -5.99 -5.08
C LEU A 181 -7.03 -6.77 -5.99
N ASP A 182 -7.09 -6.45 -7.28
CA ASP A 182 -6.32 -7.17 -8.30
C ASP A 182 -5.00 -6.50 -8.59
N ASP A 183 -4.06 -7.25 -9.20
CA ASP A 183 -2.75 -6.72 -9.63
C ASP A 183 -2.00 -6.14 -8.43
N PHE A 184 -2.22 -6.73 -7.26
CA PHE A 184 -1.75 -6.08 -6.05
C PHE A 184 -0.22 -6.04 -5.98
N GLY A 185 0.29 -4.84 -5.68
CA GLY A 185 1.72 -4.57 -5.57
C GLY A 185 2.20 -3.77 -6.77
N THR A 186 1.42 -3.76 -7.85
CA THR A 186 1.75 -2.96 -9.05
C THR A 186 1.13 -1.58 -8.99
N GLY A 187 0.22 -1.37 -8.04
CA GLY A 187 -0.42 -0.09 -7.86
C GLY A 187 -0.04 0.58 -6.53
N TYR A 188 -0.95 1.41 -6.02
CA TYR A 188 -0.76 2.16 -4.78
C TYR A 188 -1.93 1.91 -3.85
N SER A 189 -1.60 1.68 -2.58
CA SER A 189 -2.59 1.44 -1.54
C SER A 189 -2.46 2.45 -0.40
N SER A 190 -3.61 2.82 0.16
CA SER A 190 -3.70 3.59 1.39
C SER A 190 -4.03 2.60 2.50
N LEU A 191 -3.20 2.55 3.55
CA LEU A 191 -3.49 1.64 4.66
C LEU A 191 -4.82 1.93 5.36
N SER A 192 -5.14 3.21 5.50
CA SER A 192 -6.44 3.59 6.05
C SER A 192 -7.62 3.16 5.14
N TYR A 193 -7.47 3.26 3.82
CA TYR A 193 -8.50 2.74 2.92
C TYR A 193 -8.60 1.21 2.96
N LEU A 194 -7.45 0.54 3.01
CA LEU A 194 -7.45 -0.92 3.06
C LEU A 194 -8.22 -1.39 4.27
N SER A 195 -7.98 -0.75 5.40
CA SER A 195 -8.73 -1.03 6.62
C SER A 195 -10.23 -0.64 6.50
N GLN A 196 -10.53 0.58 6.06
CA GLN A 196 -11.94 1.05 6.07
C GLN A 196 -12.85 0.43 5.00
N LEU A 197 -12.30 0.18 3.81
CA LEU A 197 -13.06 -0.34 2.66
C LEU A 197 -13.33 -1.84 2.79
N PRO A 198 -14.45 -2.30 2.22
CA PRO A 198 -14.84 -3.69 2.41
C PRO A 198 -14.17 -4.67 1.43
N PHE A 199 -12.84 -4.68 1.34
CA PHE A 199 -12.15 -5.69 0.53
C PHE A 199 -11.80 -6.91 1.35
N HIS A 200 -12.34 -8.05 0.92
CA HIS A 200 -12.15 -9.31 1.62
C HIS A 200 -10.76 -9.89 1.35
N GLY A 201 -10.21 -9.52 0.20
CA GLY A 201 -8.95 -10.10 -0.22
C GLY A 201 -8.17 -9.27 -1.22
N LEU A 202 -6.97 -9.75 -1.50
CA LEU A 202 -6.17 -9.18 -2.58
C LEU A 202 -5.52 -10.29 -3.37
N LYS A 203 -5.08 -9.98 -4.57
CA LYS A 203 -4.43 -10.96 -5.43
C LYS A 203 -3.04 -10.46 -5.78
N ILE A 204 -2.01 -11.17 -5.35
CA ILE A 204 -0.63 -10.72 -5.61
C ILE A 204 -0.34 -10.85 -7.08
N ASP A 205 0.15 -9.78 -7.69
CA ASP A 205 0.46 -9.82 -9.12
C ASP A 205 1.45 -10.92 -9.50
N GLN A 206 1.16 -11.57 -10.63
CA GLN A 206 2.01 -12.64 -11.16
CA GLN A 206 2.00 -12.63 -11.20
C GLN A 206 3.46 -12.22 -11.39
N SER A 207 3.68 -10.93 -11.63
CA SER A 207 5.03 -10.41 -11.94
C SER A 207 5.98 -10.57 -10.76
N PHE A 208 5.43 -10.57 -9.55
CA PHE A 208 6.24 -10.80 -8.37
C PHE A 208 6.37 -12.29 -8.10
N VAL A 209 5.26 -13.02 -8.15
CA VAL A 209 5.24 -14.43 -7.73
C VAL A 209 6.13 -15.27 -8.64
N ARG A 210 6.07 -14.95 -9.94
CA ARG A 210 6.83 -15.60 -11.01
CA ARG A 210 6.82 -15.69 -10.96
C ARG A 210 8.33 -15.70 -10.70
N LYS A 211 8.80 -14.73 -9.92
CA LYS A 211 10.23 -14.51 -9.67
C LYS A 211 10.70 -14.90 -8.27
N ILE A 212 9.81 -15.47 -7.47
CA ILE A 212 10.20 -15.90 -6.11
C ILE A 212 10.60 -17.36 -6.14
N PRO A 213 11.49 -17.78 -5.22
CA PRO A 213 12.33 -17.04 -4.26
C PRO A 213 13.65 -16.53 -4.88
N ALA A 214 13.93 -16.94 -6.12
CA ALA A 214 15.17 -16.66 -6.84
C ALA A 214 15.61 -15.19 -6.87
N HIS A 215 14.65 -14.28 -7.03
CA HIS A 215 14.97 -12.87 -7.07
C HIS A 215 14.58 -12.33 -5.71
N PRO A 216 15.59 -12.02 -4.85
CA PRO A 216 15.28 -11.53 -3.49
C PRO A 216 14.33 -10.33 -3.43
N SER A 217 14.42 -9.42 -4.40
CA SER A 217 13.54 -8.23 -4.43
C SER A 217 12.06 -8.58 -4.55
N GLU A 218 11.73 -9.39 -5.56
CA GLU A 218 10.35 -9.84 -5.74
C GLU A 218 9.90 -10.67 -4.55
N THR A 219 10.83 -11.47 -4.00
CA THR A 219 10.53 -12.30 -2.85
C THR A 219 10.14 -11.44 -1.62
N GLN A 220 10.88 -10.34 -1.43
CA GLN A 220 10.59 -9.37 -0.37
C GLN A 220 9.23 -8.70 -0.56
N ILE A 221 8.89 -8.37 -1.81
CA ILE A 221 7.60 -7.77 -2.14
C ILE A 221 6.48 -8.72 -1.74
N VAL A 222 6.64 -10.00 -2.09
CA VAL A 222 5.62 -10.98 -1.75
C VAL A 222 5.45 -11.09 -0.24
N THR A 223 6.58 -11.18 0.48
CA THR A 223 6.58 -11.28 1.94
C THR A 223 5.88 -10.06 2.58
N THR A 224 6.15 -8.88 2.03
CA THR A 224 5.55 -7.64 2.53
C THR A 224 4.02 -7.66 2.32
N ILE A 225 3.58 -8.09 1.13
CA ILE A 225 2.15 -8.13 0.83
C ILE A 225 1.44 -9.14 1.73
N LEU A 226 2.07 -10.31 1.94
CA LEU A 226 1.52 -11.29 2.86
C LEU A 226 1.36 -10.74 4.29
N ALA A 227 2.32 -9.95 4.75
CA ALA A 227 2.24 -9.37 6.08
C ALA A 227 1.10 -8.34 6.16
N LEU A 228 0.95 -7.56 5.09
CA LEU A 228 -0.12 -6.57 5.02
C LEU A 228 -1.49 -7.26 5.14
N ALA A 229 -1.67 -8.29 4.31
CA ALA A 229 -2.96 -8.96 4.25
C ALA A 229 -3.30 -9.63 5.57
N ARG A 230 -2.33 -10.34 6.14
CA ARG A 230 -2.51 -10.99 7.43
C ARG A 230 -2.87 -9.94 8.50
N GLY A 231 -2.18 -8.81 8.46
CA GLY A 231 -2.39 -7.74 9.45
C GLY A 231 -3.81 -7.19 9.41
N LEU A 232 -4.37 -7.10 8.22
CA LEU A 232 -5.70 -6.53 7.99
C LEU A 232 -6.82 -7.58 7.88
N GLY A 233 -6.51 -8.84 8.17
CA GLY A 233 -7.49 -9.91 8.07
C GLY A 233 -8.04 -10.14 6.67
N MSE A 234 -7.20 -9.90 5.67
CA MSE A 234 -7.56 -10.11 4.28
C MSE A 234 -7.02 -11.43 3.77
O MSE A 234 -5.92 -11.84 4.14
CB MSE A 234 -7.03 -8.97 3.42
CG MSE A 234 -7.69 -7.64 3.75
SE MSE A 234 -6.84 -6.12 2.80
CE MSE A 234 -7.47 -6.60 1.01
N GLU A 235 -7.81 -12.08 2.90
CA GLU A 235 -7.38 -13.30 2.23
C GLU A 235 -6.48 -12.97 1.03
N VAL A 236 -5.58 -13.89 0.67
CA VAL A 236 -4.70 -13.69 -0.48
C VAL A 236 -4.81 -14.79 -1.52
N VAL A 237 -4.90 -14.38 -2.79
CA VAL A 237 -4.64 -15.29 -3.91
C VAL A 237 -3.30 -14.86 -4.51
N ALA A 238 -2.32 -15.77 -4.52
CA ALA A 238 -1.09 -15.49 -5.23
C ALA A 238 -1.29 -15.92 -6.68
N GLU A 239 -1.25 -14.98 -7.61
CA GLU A 239 -1.30 -15.32 -9.04
C GLU A 239 0.07 -15.63 -9.61
N GLY A 240 0.11 -16.40 -10.70
CA GLY A 240 1.35 -16.69 -11.40
C GLY A 240 2.21 -17.78 -10.82
N ILE A 241 1.61 -18.69 -10.04
CA ILE A 241 2.37 -19.81 -9.46
C ILE A 241 2.77 -20.76 -10.56
N GLU A 242 4.07 -20.88 -10.80
CA GLU A 242 4.62 -21.70 -11.90
C GLU A 242 5.39 -22.94 -11.42
N THR A 243 5.88 -22.90 -10.19
CA THR A 243 6.72 -23.99 -9.68
C THR A 243 6.23 -24.51 -8.35
N ALA A 244 6.54 -25.78 -8.08
CA ALA A 244 6.30 -26.41 -6.79
C ALA A 244 6.97 -25.67 -5.62
N GLN A 245 8.15 -25.12 -5.86
CA GLN A 245 8.86 -24.35 -4.82
C GLN A 245 8.06 -23.09 -4.45
N GLN A 246 7.47 -22.43 -5.46
CA GLN A 246 6.65 -21.24 -5.21
C GLN A 246 5.39 -21.60 -4.46
N TYR A 247 4.74 -22.68 -4.86
CA TYR A 247 3.54 -23.17 -4.18
C TYR A 247 3.79 -23.40 -2.68
N ALA A 248 4.88 -24.11 -2.38
CA ALA A 248 5.30 -24.39 -1.00
C ALA A 248 5.71 -23.13 -0.24
N PHE A 249 6.43 -22.22 -0.90
CA PHE A 249 6.84 -20.96 -0.27
C PHE A 249 5.59 -20.24 0.28
N LEU A 250 4.58 -20.13 -0.59
CA LEU A 250 3.35 -19.39 -0.27
C LEU A 250 2.52 -20.12 0.77
N ARG A 251 2.25 -21.39 0.52
CA ARG A 251 1.55 -22.22 1.50
C ARG A 251 2.18 -22.19 2.90
N ASP A 252 3.50 -22.37 2.98
CA ASP A 252 4.23 -22.36 4.26
C ASP A 252 4.12 -21.02 5.00
N ARG A 253 3.85 -19.95 4.26
CA ARG A 253 3.73 -18.62 4.83
C ARG A 253 2.27 -18.16 5.02
N GLY A 254 1.35 -19.12 4.92
CA GLY A 254 -0.07 -18.89 5.21
C GLY A 254 -0.88 -18.20 4.12
N CYS A 255 -0.33 -18.13 2.91
CA CYS A 255 -1.08 -17.59 1.77
C CYS A 255 -2.20 -18.61 1.51
N GLU A 256 -3.47 -18.17 1.52
CA GLU A 256 -4.56 -19.14 1.49
CA GLU A 256 -4.57 -19.15 1.48
C GLU A 256 -4.81 -19.77 0.11
N PHE A 257 -4.72 -18.95 -0.93
CA PHE A 257 -5.11 -19.40 -2.26
C PHE A 257 -4.05 -19.13 -3.30
N GLY A 258 -4.17 -19.82 -4.43
CA GLY A 258 -3.24 -19.63 -5.51
C GLY A 258 -3.90 -19.82 -6.86
N GLN A 259 -3.24 -19.28 -7.87
CA GLN A 259 -3.70 -19.34 -9.25
C GLN A 259 -2.43 -19.39 -10.10
N GLY A 260 -2.38 -20.25 -11.10
CA GLY A 260 -1.22 -20.26 -11.98
C GLY A 260 -1.07 -21.51 -12.80
N ASN A 261 -0.12 -21.46 -13.74
CA ASN A 261 0.07 -22.51 -14.74
CA ASN A 261 0.01 -22.54 -14.73
C ASN A 261 0.55 -23.84 -14.15
N LEU A 262 1.09 -23.78 -12.94
CA LEU A 262 1.49 -25.01 -12.25
C LEU A 262 0.25 -25.91 -12.07
N MSE A 263 -0.86 -25.31 -11.66
CA MSE A 263 -2.10 -26.05 -11.39
C MSE A 263 -2.96 -26.14 -12.64
O MSE A 263 -3.38 -27.24 -13.04
CB MSE A 263 -2.90 -25.41 -10.22
CG MSE A 263 -2.12 -25.35 -8.87
SE MSE A 263 -1.02 -23.72 -8.68
CE MSE A 263 -2.43 -22.54 -8.04
N SER A 264 -3.23 -24.99 -13.28
CA SER A 264 -4.10 -24.94 -14.44
C SER A 264 -4.04 -23.60 -15.13
N THR A 265 -3.86 -23.65 -16.45
CA THR A 265 -4.03 -22.46 -17.29
C THR A 265 -5.52 -22.09 -17.32
N PRO A 266 -5.87 -20.90 -17.86
CA PRO A 266 -7.29 -20.62 -18.13
C PRO A 266 -7.89 -21.69 -19.05
N GLN A 267 -9.14 -22.06 -18.77
CA GLN A 267 -9.80 -23.21 -19.42
C GLN A 267 -11.13 -22.77 -20.01
N ALA A 268 -11.48 -23.29 -21.19
CA ALA A 268 -12.85 -23.18 -21.69
C ALA A 268 -13.81 -23.78 -20.65
N ALA A 269 -15.07 -23.34 -20.68
CA ALA A 269 -16.08 -23.78 -19.71
C ALA A 269 -16.19 -25.31 -19.55
N ASP A 270 -16.30 -26.04 -20.65
CA ASP A 270 -16.42 -27.50 -20.57
C ASP A 270 -15.17 -28.14 -19.95
N ALA A 271 -14.00 -27.62 -20.30
CA ALA A 271 -12.74 -28.04 -19.67
C ALA A 271 -12.70 -27.76 -18.16
N PHE A 272 -13.10 -26.56 -17.77
CA PHE A 272 -13.19 -26.20 -16.34
C PHE A 272 -14.17 -27.15 -15.61
N ALA A 273 -15.33 -27.41 -16.20
CA ALA A 273 -16.32 -28.28 -15.58
C ALA A 273 -15.80 -29.71 -15.41
N SER A 274 -14.98 -30.16 -16.36
CA SER A 274 -14.34 -31.48 -16.25
CA SER A 274 -14.30 -31.46 -16.29
C SER A 274 -13.42 -31.56 -15.04
N LEU A 275 -12.72 -30.47 -14.75
CA LEU A 275 -11.88 -30.37 -13.55
C LEU A 275 -12.71 -30.47 -12.29
N LEU A 276 -13.88 -29.84 -12.30
CA LEU A 276 -14.83 -29.94 -11.18
C LEU A 276 -15.32 -31.37 -10.99
N ASP A 277 -15.62 -32.06 -12.09
CA ASP A 277 -16.03 -33.46 -12.08
C ASP A 277 -14.96 -34.39 -11.49
N ARG A 278 -13.71 -34.20 -11.91
CA ARG A 278 -12.58 -34.97 -11.39
C ARG A 278 -12.41 -34.78 -9.90
N GLN A 279 -12.52 -33.55 -9.45
CA GLN A 279 -12.39 -33.23 -8.04
C GLN A 279 -13.47 -33.88 -7.18
N LYS A 280 -14.69 -33.91 -7.70
CA LYS A 280 -15.83 -34.54 -7.00
C LYS A 280 -15.51 -36.01 -6.66
N ALA A 281 -14.71 -36.66 -7.50
CA ALA A 281 -14.30 -38.05 -7.26
C ALA A 281 -13.19 -38.14 -6.19
N LEU B 25 -0.91 33.21 0.22
CA LEU B 25 0.42 34.09 -0.32
C LEU B 25 0.90 34.99 0.83
N THR B 26 -0.04 35.42 1.66
CA THR B 26 0.24 36.28 2.83
C THR B 26 0.96 35.47 3.91
N LEU B 27 0.64 34.16 3.96
CA LEU B 27 1.30 33.25 4.89
C LEU B 27 2.76 33.03 4.50
N ASP B 28 3.00 32.80 3.20
CA ASP B 28 4.37 32.66 2.66
C ASP B 28 5.16 33.95 2.85
N THR B 29 4.48 35.09 2.68
CA THR B 29 5.09 36.40 2.93
C THR B 29 5.66 36.50 4.34
N ARG B 30 4.86 36.12 5.33
CA ARG B 30 5.27 36.18 6.74
C ARG B 30 6.45 35.25 7.03
N LEU B 31 6.40 34.02 6.52
CA LEU B 31 7.50 33.06 6.65
C LEU B 31 8.80 33.56 6.00
N ARG B 32 8.71 34.12 4.80
CA ARG B 32 9.87 34.72 4.13
C ARG B 32 10.54 35.79 5.01
N GLN B 33 9.73 36.73 5.52
CA GLN B 33 10.22 37.78 6.39
C GLN B 33 10.86 37.21 7.66
N ALA B 34 10.24 36.18 8.23
CA ALA B 34 10.77 35.48 9.42
C ALA B 34 12.15 34.87 9.14
N LEU B 35 12.28 34.20 7.99
CA LEU B 35 13.53 33.67 7.50
C LEU B 35 14.62 34.73 7.27
N GLU B 36 14.24 35.83 6.64
CA GLU B 36 15.16 36.93 6.32
C GLU B 36 15.73 37.55 7.58
N ARG B 37 14.89 37.62 8.60
CA ARG B 37 15.19 38.38 9.81
C ARG B 37 15.68 37.47 10.93
N ASN B 38 15.84 36.19 10.61
CA ASN B 38 16.25 35.19 11.59
C ASN B 38 15.34 35.14 12.81
N GLU B 39 14.03 35.18 12.58
CA GLU B 39 13.04 35.09 13.66
C GLU B 39 12.41 33.69 13.82
N LEU B 40 13.07 32.68 13.27
CA LEU B 40 12.64 31.29 13.47
C LEU B 40 13.55 30.55 14.44
N VAL B 41 12.99 29.56 15.11
CA VAL B 41 13.70 28.76 16.11
C VAL B 41 13.26 27.31 15.98
N LEU B 42 14.16 26.38 16.28
CA LEU B 42 13.76 24.97 16.35
C LEU B 42 13.35 24.59 17.75
N HIS B 43 12.20 23.92 17.84
CA HIS B 43 11.86 23.16 19.03
C HIS B 43 12.10 21.69 18.71
N TYR B 44 12.21 20.87 19.74
CA TYR B 44 12.51 19.45 19.56
C TYR B 44 11.58 18.60 20.41
N GLN B 45 10.89 17.65 19.77
CA GLN B 45 10.08 16.68 20.53
C GLN B 45 10.85 15.41 20.79
N PRO B 46 11.04 15.07 22.08
CA PRO B 46 11.74 13.85 22.44
C PRO B 46 11.12 12.63 21.79
N ILE B 47 12.00 11.76 21.29
CA ILE B 47 11.61 10.44 20.81
C ILE B 47 12.23 9.46 21.79
N VAL B 48 11.39 8.59 22.33
CA VAL B 48 11.75 7.72 23.44
C VAL B 48 11.75 6.25 23.03
N GLU B 49 12.71 5.50 23.56
CA GLU B 49 12.72 4.04 23.51
C GLU B 49 11.66 3.53 24.48
N LEU B 50 10.59 2.94 23.97
CA LEU B 50 9.42 2.60 24.78
C LEU B 50 9.70 1.66 25.97
N ALA B 51 10.58 0.68 25.77
CA ALA B 51 10.90 -0.30 26.82
C ALA B 51 11.67 0.29 28.01
N SER B 52 12.58 1.23 27.73
CA SER B 52 13.45 1.83 28.75
C SER B 52 12.96 3.21 29.20
N GLY B 53 12.30 3.93 28.30
CA GLY B 53 11.89 5.30 28.56
C GLY B 53 13.00 6.29 28.20
N ARG B 54 14.06 5.78 27.59
CA ARG B 54 15.23 6.59 27.25
C ARG B 54 14.97 7.48 26.05
N ILE B 55 15.31 8.76 26.18
CA ILE B 55 15.29 9.68 25.05
C ILE B 55 16.48 9.34 24.15
N VAL B 56 16.17 8.89 22.94
CA VAL B 56 17.19 8.45 21.97
C VAL B 56 17.16 9.30 20.69
N GLY B 57 16.13 10.15 20.60
CA GLY B 57 15.93 11.00 19.42
C GLY B 57 15.16 12.26 19.72
N GLY B 58 15.00 13.09 18.70
CA GLY B 58 14.20 14.31 18.82
C GLY B 58 13.83 14.80 17.44
N GLU B 59 12.55 15.12 17.23
CA GLU B 59 12.12 15.64 15.94
C GLU B 59 12.21 17.16 16.00
N ALA B 60 13.01 17.72 15.11
CA ALA B 60 13.12 19.17 14.95
C ALA B 60 11.85 19.75 14.32
N LEU B 61 11.33 20.80 14.93
CA LEU B 61 10.06 21.41 14.53
C LEU B 61 10.21 22.90 14.55
N VAL B 62 9.86 23.53 13.43
CA VAL B 62 10.07 24.95 13.22
C VAL B 62 8.99 25.76 13.94
N ARG B 63 9.42 26.75 14.70
CA ARG B 63 8.52 27.64 15.38
C ARG B 63 8.86 29.07 14.99
N TRP B 64 7.82 29.88 14.89
CA TRP B 64 7.99 31.30 14.61
C TRP B 64 7.92 32.08 15.92
N GLU B 65 8.89 32.96 16.14
CA GLU B 65 8.85 33.90 17.26
C GLU B 65 8.69 35.31 16.71
N ASP B 66 7.54 35.93 16.97
CA ASP B 66 7.17 37.24 16.40
C ASP B 66 8.11 38.39 16.76
N ASP B 83 5.75 28.80 -2.47
CA ASP B 83 7.00 29.03 -3.19
C ASP B 83 8.08 28.01 -2.84
N THR B 84 8.49 27.25 -3.85
CA THR B 84 9.51 26.21 -3.69
C THR B 84 10.83 26.78 -3.15
N GLY B 85 11.16 28.01 -3.57
CA GLY B 85 12.35 28.73 -3.07
C GLY B 85 12.35 28.90 -1.56
N LEU B 86 11.16 29.22 -1.01
CA LEU B 86 10.96 29.30 0.45
C LEU B 86 11.14 27.95 1.15
N ILE B 87 10.55 26.88 0.60
CA ILE B 87 10.73 25.53 1.16
C ILE B 87 12.19 25.17 1.25
N VAL B 88 12.91 25.46 0.17
CA VAL B 88 14.32 25.15 0.01
C VAL B 88 15.09 25.94 1.06
N ALA B 89 14.85 27.25 1.11
CA ALA B 89 15.60 28.11 2.01
C ALA B 89 15.35 27.75 3.48
N LEU B 90 14.10 27.46 3.81
CA LEU B 90 13.79 27.08 5.18
C LEU B 90 14.51 25.80 5.55
N SER B 91 14.46 24.81 4.66
CA SER B 91 15.09 23.52 4.93
C SER B 91 16.61 23.59 5.08
N ASP B 92 17.25 24.38 4.24
CA ASP B 92 18.69 24.66 4.37
C ASP B 92 19.01 25.12 5.79
N TRP B 93 18.18 26.04 6.28
CA TRP B 93 18.36 26.60 7.59
C TRP B 93 18.11 25.54 8.67
N VAL B 94 17.01 24.81 8.52
CA VAL B 94 16.66 23.78 9.50
C VAL B 94 17.78 22.73 9.60
N LEU B 95 18.26 22.29 8.45
CA LEU B 95 19.29 21.27 8.40
C LEU B 95 20.54 21.73 9.11
N GLU B 96 20.99 22.93 8.78
CA GLU B 96 22.18 23.42 9.45
C GLU B 96 22.00 23.63 10.94
N ALA B 97 20.89 24.28 11.32
CA ALA B 97 20.54 24.55 12.72
C ALA B 97 20.46 23.28 13.57
N CYS B 98 19.76 22.27 13.06
CA CYS B 98 19.59 21.01 13.76
C CYS B 98 20.94 20.28 13.95
N CYS B 99 21.73 20.18 12.88
CA CYS B 99 23.03 19.46 12.95
C CYS B 99 23.99 20.18 13.89
N THR B 100 23.97 21.52 13.82
CA THR B 100 24.81 22.36 14.71
C THR B 100 24.41 22.20 16.18
N GLN B 101 23.09 22.15 16.43
CA GLN B 101 22.59 21.97 17.79
C GLN B 101 23.02 20.63 18.39
N LEU B 102 22.84 19.54 17.63
CA LEU B 102 23.28 18.23 18.12
C LEU B 102 24.80 18.18 18.34
N ARG B 103 25.56 18.68 17.37
CA ARG B 103 27.03 18.73 17.53
C ARG B 103 27.42 19.52 18.80
N ALA B 104 26.79 20.67 19.01
CA ALA B 104 27.01 21.45 20.23
C ALA B 104 26.72 20.66 21.50
N TRP B 105 25.59 19.93 21.55
CA TRP B 105 25.28 19.10 22.73
C TRP B 105 26.31 17.99 22.93
N GLN B 106 26.81 17.41 21.84
CA GLN B 106 27.85 16.38 21.96
C GLN B 106 29.14 16.93 22.56
N GLN B 107 29.58 18.08 22.05
CA GLN B 107 30.81 18.73 22.53
C GLN B 107 30.70 19.17 23.99
N GLN B 108 29.48 19.51 24.44
CA GLN B 108 29.28 19.94 25.83
CA GLN B 108 29.22 19.93 25.81
C GLN B 108 29.04 18.73 26.76
N GLY B 109 29.05 17.53 26.20
CA GLY B 109 28.92 16.31 26.99
C GLY B 109 27.50 16.02 27.45
N ARG B 110 26.55 16.66 26.78
CA ARG B 110 25.16 16.54 27.17
C ARG B 110 24.38 15.52 26.33
N ALA B 111 24.79 15.37 25.08
CA ALA B 111 24.21 14.37 24.18
C ALA B 111 25.09 13.13 24.21
N ALA B 112 24.49 12.02 24.61
CA ALA B 112 25.11 10.69 24.56
C ALA B 112 25.32 10.27 23.09
N ASP B 113 26.16 9.27 22.86
CA ASP B 113 26.54 8.88 21.51
C ASP B 113 25.35 8.35 20.69
N ASP B 114 24.35 7.80 21.39
CA ASP B 114 23.13 7.27 20.75
C ASP B 114 22.05 8.31 20.38
N LEU B 115 22.25 9.57 20.73
CA LEU B 115 21.23 10.57 20.35
C LEU B 115 21.32 10.94 18.87
N THR B 116 20.16 10.96 18.21
CA THR B 116 20.05 11.45 16.83
C THR B 116 18.97 12.51 16.82
N LEU B 117 18.96 13.38 15.81
CA LEU B 117 17.85 14.31 15.62
C LEU B 117 17.29 14.13 14.20
N SER B 118 16.01 14.44 14.04
CA SER B 118 15.30 14.23 12.79
CA SER B 118 15.36 14.25 12.75
C SER B 118 14.77 15.55 12.26
N VAL B 119 14.80 15.71 10.94
CA VAL B 119 14.31 16.90 10.24
C VAL B 119 13.26 16.46 9.22
N ASN B 120 12.19 17.25 9.09
CA ASN B 120 11.15 16.96 8.10
C ASN B 120 11.51 17.55 6.75
N ILE B 121 11.36 16.74 5.71
CA ILE B 121 11.73 17.13 4.36
C ILE B 121 10.48 17.02 3.49
N SER B 122 10.20 18.10 2.75
CA SER B 122 9.05 18.12 1.85
C SER B 122 9.31 17.32 0.58
N THR B 123 8.27 16.69 0.04
CA THR B 123 8.40 16.03 -1.27
C THR B 123 8.88 17.01 -2.36
N ARG B 124 8.57 18.29 -2.15
CA ARG B 124 8.94 19.31 -3.13
C ARG B 124 10.44 19.59 -3.17
N GLN B 125 11.21 19.00 -2.26
CA GLN B 125 12.66 19.25 -2.20
C GLN B 125 13.49 18.30 -3.05
N PHE B 126 12.83 17.39 -3.76
CA PHE B 126 13.53 16.46 -4.63
C PHE B 126 13.71 16.98 -6.05
N GLU B 127 13.15 18.14 -6.33
CA GLU B 127 13.34 18.79 -7.63
C GLU B 127 14.77 19.35 -7.69
N GLY B 128 15.54 18.99 -8.71
CA GLY B 128 16.93 19.42 -8.84
C GLY B 128 17.93 18.79 -7.86
N GLU B 129 19.05 19.46 -7.63
CA GLU B 129 20.20 18.90 -6.90
C GLU B 129 20.26 19.36 -5.44
N HIS B 130 19.27 20.11 -5.02
CA HIS B 130 19.50 20.91 -3.84
C HIS B 130 19.50 20.15 -2.51
N LEU B 131 18.71 19.09 -2.40
CA LEU B 131 18.57 18.41 -1.10
C LEU B 131 19.88 17.78 -0.68
N THR B 132 20.47 16.99 -1.57
CA THR B 132 21.74 16.35 -1.25
CA THR B 132 21.76 16.34 -1.31
C THR B 132 22.80 17.41 -0.95
N ARG B 133 22.81 18.50 -1.71
CA ARG B 133 23.73 19.60 -1.45
CA ARG B 133 23.78 19.53 -1.41
C ARG B 133 23.52 20.24 -0.07
N ALA B 134 22.23 20.40 0.32
CA ALA B 134 21.89 21.03 1.60
C ALA B 134 22.34 20.15 2.76
N VAL B 135 22.08 18.86 2.59
CA VAL B 135 22.46 17.91 3.64
C VAL B 135 23.99 17.87 3.76
N ASP B 136 24.69 17.80 2.62
CA ASP B 136 26.16 17.82 2.61
C ASP B 136 26.70 19.06 3.30
N ARG B 137 26.11 20.22 2.98
CA ARG B 137 26.56 21.47 3.59
C ARG B 137 26.37 21.47 5.11
N ALA B 138 25.18 21.09 5.58
CA ALA B 138 24.88 20.99 7.02
C ALA B 138 25.86 20.08 7.77
N LEU B 139 26.12 18.91 7.20
CA LEU B 139 27.06 17.96 7.79
C LEU B 139 28.50 18.48 7.79
N ALA B 140 28.90 19.12 6.70
CA ALA B 140 30.26 19.66 6.59
C ALA B 140 30.53 20.76 7.63
N ARG B 141 29.60 21.69 7.74
CA ARG B 141 29.77 22.82 8.65
C ARG B 141 29.70 22.42 10.13
N SER B 142 28.78 21.50 10.44
CA SER B 142 28.56 21.09 11.82
C SER B 142 29.61 20.08 12.31
N GLY B 143 30.18 19.33 11.37
CA GLY B 143 31.10 18.23 11.70
C GLY B 143 30.37 17.02 12.27
N LEU B 144 29.04 17.03 12.18
CA LEU B 144 28.19 15.97 12.76
C LEU B 144 28.39 14.63 12.05
N ARG B 145 28.48 13.55 12.84
CA ARG B 145 28.53 12.22 12.28
C ARG B 145 27.23 11.98 11.50
N PRO B 146 27.31 11.62 10.20
CA PRO B 146 26.06 11.66 9.40
C PRO B 146 24.93 10.77 9.91
N ASP B 147 25.25 9.62 10.53
CA ASP B 147 24.14 8.77 11.01
C ASP B 147 23.42 9.33 12.23
N CYS B 148 23.91 10.45 12.76
CA CYS B 148 23.19 11.24 13.76
C CYS B 148 22.00 12.03 13.23
N LEU B 149 21.92 12.17 11.91
CA LEU B 149 20.86 12.92 11.25
C LEU B 149 19.89 11.95 10.57
N GLU B 150 18.61 12.20 10.77
CA GLU B 150 17.55 11.41 10.17
C GLU B 150 16.61 12.36 9.42
N LEU B 151 16.18 11.96 8.23
CA LEU B 151 15.25 12.78 7.42
C LEU B 151 13.91 12.08 7.37
N GLU B 152 12.86 12.81 7.73
CA GLU B 152 11.49 12.30 7.74
C GLU B 152 10.81 12.81 6.48
N ILE B 153 10.45 11.88 5.61
CA ILE B 153 9.85 12.17 4.30
C ILE B 153 8.46 11.56 4.30
N THR B 154 7.45 12.36 3.99
CA THR B 154 6.07 11.87 4.06
C THR B 154 5.80 10.75 3.05
N GLU B 155 4.94 9.82 3.46
CA GLU B 155 4.61 8.64 2.70
C GLU B 155 4.32 8.91 1.22
N ASN B 156 3.60 10.01 0.96
CA ASN B 156 3.19 10.35 -0.40
C ASN B 156 4.34 10.68 -1.33
N VAL B 157 5.57 10.57 -0.84
CA VAL B 157 6.71 10.60 -1.75
C VAL B 157 6.61 9.45 -2.76
N MSE B 158 5.96 8.36 -2.37
CA MSE B 158 5.82 7.23 -3.29
C MSE B 158 4.94 7.54 -4.50
O MSE B 158 5.02 6.84 -5.51
CB MSE B 158 5.34 5.98 -2.56
CG MSE B 158 6.51 5.07 -2.28
SE MSE B 158 6.30 3.77 -1.01
CE MSE B 158 5.74 4.79 0.58
N LEU B 159 4.12 8.58 -4.40
CA LEU B 159 3.26 9.00 -5.50
C LEU B 159 4.01 9.86 -6.53
N VAL B 160 5.15 10.41 -6.12
CA VAL B 160 5.98 11.19 -7.06
C VAL B 160 7.34 10.51 -7.26
N MSE B 161 7.33 9.18 -7.23
CA MSE B 161 8.56 8.39 -7.28
C MSE B 161 9.09 8.26 -8.71
O MSE B 161 8.67 7.37 -9.45
CB MSE B 161 8.34 7.02 -6.65
CG MSE B 161 9.58 6.17 -6.50
SE MSE B 161 10.90 6.99 -5.30
CE MSE B 161 9.79 7.32 -3.74
N THR B 162 9.99 9.16 -9.09
CA THR B 162 10.64 9.14 -10.39
C THR B 162 12.07 8.62 -10.23
N ASP B 163 12.73 8.38 -11.36
CA ASP B 163 14.15 8.02 -11.36
C ASP B 163 14.99 9.03 -10.59
N GLU B 164 14.67 10.32 -10.74
CA GLU B 164 15.42 11.38 -10.06
C GLU B 164 15.22 11.32 -8.54
N VAL B 165 14.00 11.02 -8.12
CA VAL B 165 13.74 10.82 -6.69
C VAL B 165 14.47 9.58 -6.17
N ARG B 166 14.38 8.43 -6.86
CA ARG B 166 15.08 7.22 -6.41
CA ARG B 166 15.08 7.22 -6.41
C ARG B 166 16.57 7.47 -6.30
N THR B 167 17.13 8.22 -7.27
CA THR B 167 18.56 8.54 -7.26
C THR B 167 18.93 9.44 -6.07
N CYS B 168 18.10 10.44 -5.80
CA CYS B 168 18.30 11.29 -4.62
C CYS B 168 18.30 10.47 -3.31
N LEU B 169 17.34 9.56 -3.17
CA LEU B 169 17.25 8.76 -1.95
C LEU B 169 18.49 7.88 -1.80
N ASP B 170 18.97 7.27 -2.89
CA ASP B 170 20.22 6.49 -2.87
C ASP B 170 21.45 7.34 -2.51
N ALA B 171 21.47 8.58 -2.99
CA ALA B 171 22.56 9.52 -2.71
C ALA B 171 22.59 9.87 -1.20
N LEU B 172 21.42 10.14 -0.65
CA LEU B 172 21.28 10.44 0.78
C LEU B 172 21.69 9.22 1.63
N ARG B 173 21.24 8.04 1.23
CA ARG B 173 21.64 6.82 1.94
C ARG B 173 23.17 6.61 1.92
N ALA B 174 23.79 6.89 0.78
CA ALA B 174 25.24 6.73 0.59
C ALA B 174 26.07 7.63 1.52
N ARG B 175 25.44 8.69 2.01
CA ARG B 175 26.09 9.64 2.93
C ARG B 175 26.01 9.21 4.39
N GLY B 176 25.23 8.17 4.65
CA GLY B 176 25.10 7.63 6.01
C GLY B 176 23.95 8.17 6.81
N VAL B 177 23.17 9.08 6.22
N VAL B 177 23.18 9.09 6.23
CA VAL B 177 22.03 9.67 6.90
CA VAL B 177 22.05 9.64 6.96
C VAL B 177 20.88 8.65 6.97
C VAL B 177 20.93 8.61 7.02
N ARG B 178 20.12 8.71 8.07
CA ARG B 178 18.94 7.82 8.23
C ARG B 178 17.74 8.41 7.50
N LEU B 179 16.90 7.53 6.93
CA LEU B 179 15.70 8.00 6.20
C LEU B 179 14.47 7.32 6.80
N ALA B 180 13.45 8.10 7.07
CA ALA B 180 12.17 7.60 7.62
C ALA B 180 11.00 8.04 6.78
N LEU B 181 9.98 7.15 6.70
CA LEU B 181 8.70 7.53 6.12
C LEU B 181 7.76 8.05 7.19
N ASP B 182 7.36 9.30 7.00
CA ASP B 182 6.54 10.02 7.98
C ASP B 182 5.06 9.94 7.62
N ASP B 183 4.22 10.19 8.63
CA ASP B 183 2.75 10.20 8.47
C ASP B 183 2.25 8.87 7.96
N PHE B 184 2.94 7.78 8.31
CA PHE B 184 2.70 6.52 7.61
C PHE B 184 1.29 5.98 7.92
N GLY B 185 0.61 5.54 6.85
CA GLY B 185 -0.78 5.06 6.93
C GLY B 185 -1.78 6.06 6.38
N THR B 186 -1.40 7.34 6.35
CA THR B 186 -2.30 8.41 5.87
C THR B 186 -2.07 8.77 4.41
N GLY B 187 -0.95 8.33 3.86
CA GLY B 187 -0.63 8.55 2.45
C GLY B 187 -0.87 7.29 1.66
N TYR B 188 -0.17 7.17 0.53
CA TYR B 188 -0.26 6.02 -0.35
C TYR B 188 1.12 5.42 -0.51
N SER B 189 1.18 4.10 -0.37
CA SER B 189 2.39 3.33 -0.57
C SER B 189 2.22 2.38 -1.74
N SER B 190 3.30 2.23 -2.51
CA SER B 190 3.44 1.12 -3.43
C SER B 190 4.09 0.06 -2.58
N LEU B 191 3.48 -1.13 -2.50
CA LEU B 191 4.09 -2.20 -1.70
C LEU B 191 5.40 -2.72 -2.33
N SER B 192 5.51 -2.62 -3.64
CA SER B 192 6.78 -2.89 -4.31
C SER B 192 7.85 -1.87 -3.94
N TYR B 193 7.58 -0.56 -4.10
CA TYR B 193 8.54 0.46 -3.67
C TYR B 193 8.88 0.38 -2.19
N LEU B 194 7.88 0.15 -1.34
CA LEU B 194 8.14 0.10 0.09
C LEU B 194 9.17 -1.00 0.41
N SER B 195 9.13 -2.07 -0.37
CA SER B 195 9.98 -3.24 -0.12
CA SER B 195 9.99 -3.23 -0.09
C SER B 195 11.40 -3.03 -0.68
N GLN B 196 11.57 -1.98 -1.47
CA GLN B 196 12.83 -1.76 -2.17
C GLN B 196 13.60 -0.53 -1.71
N LEU B 197 12.86 0.49 -1.29
CA LEU B 197 13.48 1.80 -1.02
C LEU B 197 14.29 1.78 0.29
N PRO B 198 15.34 2.62 0.35
CA PRO B 198 16.28 2.56 1.47
C PRO B 198 15.80 3.27 2.72
N PHE B 199 14.54 3.08 3.13
CA PHE B 199 14.07 3.72 4.36
C PHE B 199 14.43 2.82 5.53
N HIS B 200 15.05 3.39 6.56
CA HIS B 200 15.39 2.60 7.76
C HIS B 200 14.27 2.60 8.77
N GLY B 201 13.30 3.49 8.60
CA GLY B 201 12.27 3.69 9.64
C GLY B 201 10.96 4.20 9.10
N LEU B 202 9.90 4.00 9.87
CA LEU B 202 8.55 4.47 9.58
CA LEU B 202 8.67 4.69 9.56
C LEU B 202 8.02 5.20 10.82
N LYS B 203 7.17 6.19 10.65
CA LYS B 203 6.52 6.81 11.80
C LYS B 203 5.01 6.65 11.64
N ILE B 204 4.38 5.93 12.56
CA ILE B 204 2.92 5.75 12.53
C ILE B 204 2.25 7.09 12.81
N ASP B 205 1.36 7.50 11.91
CA ASP B 205 0.66 8.77 12.06
C ASP B 205 -0.14 8.85 13.36
N GLN B 206 -0.10 10.05 13.96
CA GLN B 206 -0.81 10.33 15.20
CA GLN B 206 -0.83 10.36 15.19
C GLN B 206 -2.32 10.02 15.11
N SER B 207 -2.91 10.18 13.93
CA SER B 207 -4.34 9.96 13.75
C SER B 207 -4.74 8.52 14.06
N PHE B 208 -3.79 7.59 13.91
CA PHE B 208 -4.07 6.20 14.28
C PHE B 208 -3.76 5.92 15.73
N VAL B 209 -2.60 6.39 16.19
CA VAL B 209 -2.15 6.18 17.55
C VAL B 209 -3.20 6.66 18.58
N ARG B 210 -3.80 7.82 18.32
CA ARG B 210 -4.75 8.40 19.27
C ARG B 210 -6.08 7.66 19.41
N LYS B 211 -6.29 6.63 18.58
CA LYS B 211 -7.54 5.87 18.60
C LYS B 211 -7.37 4.41 19.04
N ILE B 212 -6.17 4.03 19.44
CA ILE B 212 -5.92 2.67 19.89
C ILE B 212 -5.97 2.63 21.43
N PRO B 213 -6.33 1.47 22.03
CA PRO B 213 -6.77 0.19 21.46
C PRO B 213 -8.29 0.07 21.24
N ALA B 214 -9.04 1.12 21.52
CA ALA B 214 -10.51 1.07 21.50
C ALA B 214 -11.10 0.82 20.11
N HIS B 215 -10.58 1.52 19.11
CA HIS B 215 -11.11 1.47 17.74
C HIS B 215 -10.42 0.39 16.93
N PRO B 216 -11.17 -0.64 16.48
CA PRO B 216 -10.63 -1.77 15.72
C PRO B 216 -9.85 -1.39 14.45
N SER B 217 -10.38 -0.46 13.66
CA SER B 217 -9.73 -0.08 12.39
C SER B 217 -8.35 0.51 12.64
N GLU B 218 -8.28 1.53 13.49
CA GLU B 218 -7.01 2.17 13.77
C GLU B 218 -6.02 1.21 14.44
N THR B 219 -6.55 0.33 15.30
CA THR B 219 -5.71 -0.60 16.03
C THR B 219 -5.09 -1.64 15.08
N GLN B 220 -5.89 -2.19 14.16
CA GLN B 220 -5.35 -3.12 13.15
C GLN B 220 -4.38 -2.43 12.19
N ILE B 221 -4.61 -1.16 11.88
CA ILE B 221 -3.62 -0.41 11.07
C ILE B 221 -2.29 -0.35 11.77
N VAL B 222 -2.32 -0.07 13.08
CA VAL B 222 -1.10 0.06 13.85
C VAL B 222 -0.36 -1.29 13.93
N THR B 223 -1.09 -2.37 14.25
CA THR B 223 -0.43 -3.67 14.40
C THR B 223 0.07 -4.18 13.04
N THR B 224 -0.64 -3.83 11.96
CA THR B 224 -0.17 -4.14 10.60
C THR B 224 1.15 -3.43 10.27
N ILE B 225 1.19 -2.12 10.54
CA ILE B 225 2.41 -1.33 10.31
C ILE B 225 3.61 -1.95 11.06
N LEU B 226 3.38 -2.33 12.30
CA LEU B 226 4.44 -2.97 13.08
C LEU B 226 4.93 -4.26 12.42
N ALA B 227 4.00 -5.05 11.88
CA ALA B 227 4.36 -6.32 11.23
C ALA B 227 5.13 -6.07 9.92
N LEU B 228 4.68 -5.08 9.13
CA LEU B 228 5.38 -4.66 7.91
C LEU B 228 6.83 -4.28 8.19
N ALA B 229 6.98 -3.41 9.17
CA ALA B 229 8.28 -2.87 9.55
C ALA B 229 9.23 -3.97 9.98
N ARG B 230 8.70 -4.92 10.76
CA ARG B 230 9.51 -6.04 11.23
C ARG B 230 10.17 -6.81 10.07
N GLY B 231 9.37 -7.14 9.05
CA GLY B 231 9.86 -7.88 7.91
C GLY B 231 10.82 -7.10 7.04
N LEU B 232 10.64 -5.77 7.03
CA LEU B 232 11.46 -4.88 6.22
C LEU B 232 12.71 -4.38 6.91
N GLY B 233 12.92 -4.79 8.17
CA GLY B 233 14.10 -4.32 8.90
C GLY B 233 14.07 -2.83 9.17
N MSE B 234 12.86 -2.29 9.38
CA MSE B 234 12.64 -0.88 9.69
C MSE B 234 12.25 -0.70 11.16
O MSE B 234 11.51 -1.51 11.70
CB MSE B 234 11.55 -0.30 8.81
CG MSE B 234 11.90 -0.38 7.33
SE MSE B 234 10.40 0.30 6.25
CE MSE B 234 11.17 0.08 4.50
N GLU B 235 12.76 0.36 11.79
CA GLU B 235 12.36 0.72 13.15
C GLU B 235 11.11 1.58 13.09
N VAL B 236 10.28 1.53 14.12
CA VAL B 236 9.01 2.28 14.10
C VAL B 236 8.93 3.27 15.25
N VAL B 237 8.54 4.50 14.92
CA VAL B 237 8.20 5.48 15.95
C VAL B 237 6.69 5.66 15.89
N ALA B 238 6.00 5.51 17.03
CA ALA B 238 4.59 5.85 17.12
C ALA B 238 4.48 7.32 17.49
N GLU B 239 3.87 8.12 16.61
CA GLU B 239 3.67 9.56 16.80
CA GLU B 239 3.68 9.54 16.85
C GLU B 239 2.36 9.83 17.55
N GLY B 240 2.38 10.84 18.42
CA GLY B 240 1.15 11.33 19.03
C GLY B 240 0.60 10.54 20.20
N ILE B 241 1.47 9.84 20.94
CA ILE B 241 1.05 9.13 22.16
C ILE B 241 0.51 10.12 23.19
N GLU B 242 -0.75 9.92 23.57
CA GLU B 242 -1.46 10.83 24.48
C GLU B 242 -1.80 10.21 25.83
N THR B 243 -1.90 8.88 25.87
CA THR B 243 -2.35 8.18 27.07
C THR B 243 -1.43 7.02 27.44
N ALA B 244 -1.45 6.63 28.72
CA ALA B 244 -0.65 5.51 29.23
C ALA B 244 -1.06 4.17 28.64
N GLN B 245 -2.34 4.04 28.30
CA GLN B 245 -2.86 2.82 27.67
C GLN B 245 -2.23 2.64 26.29
N GLN B 246 -2.10 3.75 25.56
CA GLN B 246 -1.49 3.76 24.22
C GLN B 246 -0.02 3.36 24.29
N TYR B 247 0.71 3.99 25.21
CA TYR B 247 2.12 3.68 25.46
C TYR B 247 2.33 2.19 25.72
N ALA B 248 1.50 1.62 26.59
CA ALA B 248 1.59 0.23 27.03
C ALA B 248 1.20 -0.75 25.91
N PHE B 249 0.11 -0.45 25.20
CA PHE B 249 -0.26 -1.20 24.00
C PHE B 249 0.90 -1.27 23.03
N LEU B 250 1.47 -0.11 22.68
CA LEU B 250 2.55 -0.05 21.71
C LEU B 250 3.80 -0.81 22.15
N ARG B 251 4.18 -0.66 23.41
CA ARG B 251 5.39 -1.30 23.96
C ARG B 251 5.26 -2.82 23.95
N ASP B 252 4.08 -3.31 24.34
CA ASP B 252 3.82 -4.75 24.48
C ASP B 252 3.76 -5.47 23.12
N ARG B 253 3.95 -4.71 22.04
CA ARG B 253 3.90 -5.21 20.67
C ARG B 253 5.17 -4.91 19.89
N GLY B 254 6.22 -4.56 20.63
CA GLY B 254 7.54 -4.38 20.04
C GLY B 254 7.71 -3.11 19.24
N CYS B 255 6.80 -2.16 19.37
CA CYS B 255 7.02 -0.83 18.77
C CYS B 255 8.25 -0.24 19.46
N GLU B 256 9.33 -0.03 18.70
CA GLU B 256 10.60 0.41 19.30
C GLU B 256 10.48 1.75 20.02
N PHE B 257 9.86 2.70 19.34
CA PHE B 257 9.95 4.11 19.72
C PHE B 257 8.61 4.83 19.77
N GLY B 258 8.59 5.94 20.49
CA GLY B 258 7.38 6.71 20.66
C GLY B 258 7.68 8.18 20.88
N GLN B 259 6.71 9.01 20.52
CA GLN B 259 6.80 10.44 20.78
C GLN B 259 5.38 10.91 21.01
N GLY B 260 5.22 11.88 21.91
CA GLY B 260 3.91 12.39 22.19
C GLY B 260 3.85 13.30 23.38
N ASN B 261 2.77 14.06 23.46
CA ASN B 261 2.58 15.00 24.55
C ASN B 261 2.47 14.33 25.92
N LEU B 262 2.14 13.03 25.94
CA LEU B 262 2.18 12.26 27.18
C LEU B 262 3.54 12.39 27.87
N MSE B 263 4.60 12.17 27.10
CA MSE B 263 5.98 12.23 27.61
C MSE B 263 6.52 13.66 27.63
O MSE B 263 7.03 14.12 28.66
CB MSE B 263 6.91 11.32 26.79
CG MSE B 263 6.56 9.83 26.82
SE MSE B 263 5.25 9.35 25.44
CE MSE B 263 6.49 9.14 23.95
N SER B 264 6.41 14.35 26.49
CA SER B 264 6.95 15.70 26.34
C SER B 264 6.43 16.37 25.08
N THR B 265 5.88 17.57 25.22
CA THR B 265 5.57 18.42 24.07
C THR B 265 6.88 18.83 23.38
N PRO B 266 6.82 19.42 22.17
CA PRO B 266 8.03 20.02 21.60
C PRO B 266 8.66 21.05 22.55
N GLN B 267 9.99 20.98 22.69
CA GLN B 267 10.71 21.78 23.69
C GLN B 267 11.75 22.67 23.06
N ALA B 268 11.96 23.85 23.62
CA ALA B 268 13.08 24.71 23.23
C ALA B 268 14.39 23.95 23.51
N ALA B 269 15.46 24.31 22.81
CA ALA B 269 16.75 23.63 22.94
C ALA B 269 17.18 23.47 24.39
N ASP B 270 17.10 24.55 25.17
CA ASP B 270 17.54 24.45 26.58
C ASP B 270 16.72 23.49 27.42
N ALA B 271 15.40 23.48 27.24
CA ALA B 271 14.52 22.53 27.91
C ALA B 271 14.78 21.08 27.49
N PHE B 272 15.02 20.87 26.20
CA PHE B 272 15.34 19.55 25.70
C PHE B 272 16.64 19.07 26.35
N ALA B 273 17.64 19.93 26.38
CA ALA B 273 18.95 19.57 26.94
C ALA B 273 18.91 19.28 28.44
N SER B 274 18.01 19.94 29.17
CA SER B 274 17.72 19.60 30.56
C SER B 274 17.27 18.16 30.74
N LEU B 275 16.42 17.68 29.83
CA LEU B 275 15.99 16.29 29.86
C LEU B 275 17.16 15.34 29.63
N LEU B 276 18.06 15.71 28.73
CA LEU B 276 19.27 14.92 28.46
C LEU B 276 20.14 14.86 29.72
N ASP B 277 20.26 15.98 30.41
CA ASP B 277 21.02 16.04 31.68
C ASP B 277 20.47 15.12 32.78
N ARG B 278 19.14 15.11 32.93
CA ARG B 278 18.50 14.34 34.00
C ARG B 278 18.63 12.84 33.73
N GLN B 279 18.53 12.49 32.46
CA GLN B 279 18.73 11.13 31.98
C GLN B 279 20.16 10.63 32.18
N LYS B 280 21.15 11.49 31.93
CA LYS B 280 22.56 11.15 32.11
C LYS B 280 22.87 10.88 33.57
N ALA B 281 22.29 11.69 34.45
CA ALA B 281 22.51 11.55 35.89
C ALA B 281 21.80 10.32 36.43
N SER B 282 20.61 10.02 35.91
CA SER B 282 19.84 8.83 36.30
C SER B 282 20.57 7.55 35.93
MG MG C . -8.34 -10.51 -12.26
CL CL D . -11.96 -10.35 -18.00
CL CL E . -4.59 -10.69 -21.96
CL CL F . -29.25 -21.37 -5.32
MG MG G . 7.93 14.45 11.08
MG MG H . 0.16 13.19 9.62
#